data_4GKQ
#
_entry.id   4GKQ
#
_cell.length_a   197.000
_cell.length_b   197.000
_cell.length_c   50.180
_cell.angle_alpha   90.000
_cell.angle_beta   90.000
_cell.angle_gamma   120.000
#
_symmetry.space_group_name_H-M   'H 3'
#
loop_
_entity.id
_entity.type
_entity.pdbx_description
1 polymer 'SPINDLE POLE BODY-ASSOCIATED PROTEIN VIK1'
2 water water
#
_entity_poly.entity_id   1
_entity_poly.type   'polypeptide(L)'
_entity_poly.pdbx_seq_one_letter_code
;GHMTLGEELSRRRRLLNSITELKGCARLFANIIEDEISEKLIVNYSDESIEDMKNHKTYKFTKLIQNFSHQNKDLFKEDL
HVYIDFCLKRRENFNLFSVGSSNIPNTFEKLLAFFKNNYFDKFVITLQYVMLSDNADSQDLLSNNKDGGKDVEIKLKIEE
STISLGSTLITLDEITDKLQIKKKYSQLNHQNGIGLSKFQFFCLQDIEPIPIDFYFIEIYQPSIYPILKRSTGTESNLNS
PLEIVLKKIFHDTKSAFVFQIDHSAEVYDILKLSSHLSFIRNPKGK
;
_entity_poly.pdbx_strand_id   A,B
#
# COMPACT_ATOMS: atom_id res chain seq x y z
N HIS A 2 -48.88 12.56 -0.44
CA HIS A 2 -48.01 12.97 -1.58
C HIS A 2 -48.39 14.33 -2.10
N MET A 3 -47.40 15.12 -2.51
CA MET A 3 -45.98 14.82 -2.34
C MET A 3 -45.28 16.06 -1.81
N THR A 4 -44.18 15.86 -1.09
CA THR A 4 -43.42 16.99 -0.54
C THR A 4 -42.55 17.67 -1.61
N LEU A 5 -42.12 18.89 -1.32
CA LEU A 5 -41.22 19.65 -2.20
C LEU A 5 -39.97 18.82 -2.51
N GLY A 6 -39.36 18.27 -1.47
CA GLY A 6 -38.16 17.46 -1.61
C GLY A 6 -38.41 16.22 -2.46
N GLU A 7 -39.63 15.71 -2.37
CA GLU A 7 -40.08 14.59 -3.22
C GLU A 7 -40.27 15.07 -4.66
N GLU A 8 -40.86 16.25 -4.81
CA GLU A 8 -41.11 16.83 -6.12
C GLU A 8 -39.80 17.22 -6.79
N LEU A 9 -38.87 17.75 -5.99
CA LEU A 9 -37.53 18.11 -6.47
C LEU A 9 -36.72 16.89 -6.92
N SER A 10 -36.89 15.77 -6.23
CA SER A 10 -36.13 14.58 -6.53
C SER A 10 -36.60 13.94 -7.83
N ARG A 11 -37.92 13.93 -8.01
CA ARG A 11 -38.52 13.49 -9.27
C ARG A 11 -37.88 14.31 -10.37
N ARG A 12 -37.85 15.62 -10.17
CA ARG A 12 -37.20 16.55 -11.07
C ARG A 12 -35.75 16.17 -11.42
N ARG A 13 -34.87 16.11 -10.41
CA ARG A 13 -33.45 15.76 -10.64
C ARG A 13 -33.27 14.38 -11.31
N ARG A 14 -34.07 13.39 -10.90
CA ARG A 14 -33.96 12.05 -11.46
C ARG A 14 -34.15 12.10 -12.97
N LEU A 15 -35.18 12.83 -13.41
CA LEU A 15 -35.49 12.96 -14.82
C LEU A 15 -34.39 13.72 -15.54
N LEU A 16 -33.95 14.83 -14.96
CA LEU A 16 -32.77 15.53 -15.49
C LEU A 16 -31.63 14.52 -15.67
N ASN A 17 -31.31 13.81 -14.59
CA ASN A 17 -30.20 12.87 -14.59
C ASN A 17 -30.26 11.78 -15.66
N SER A 18 -31.45 11.21 -15.86
CA SER A 18 -31.66 10.18 -16.90
C SER A 18 -31.40 10.70 -18.31
N ILE A 19 -32.01 11.85 -18.63
CA ILE A 19 -31.73 12.53 -19.88
C ILE A 19 -30.23 12.75 -20.03
N THR A 20 -29.60 13.27 -18.97
CA THR A 20 -28.17 13.54 -18.95
C THR A 20 -27.33 12.29 -19.23
N GLU A 21 -27.69 11.17 -18.62
CA GLU A 21 -26.91 9.93 -18.76
C GLU A 21 -26.97 9.38 -20.18
N LEU A 22 -28.18 9.17 -20.70
CA LEU A 22 -28.40 8.60 -22.03
C LEU A 22 -27.37 9.08 -23.05
N LYS A 23 -27.27 10.40 -23.22
CA LYS A 23 -26.34 10.99 -24.18
C LYS A 23 -24.93 11.26 -23.60
N GLY A 24 -24.52 10.48 -22.60
CA GLY A 24 -23.28 10.76 -21.88
C GLY A 24 -22.14 9.77 -22.01
N CYS A 25 -20.99 10.12 -21.43
CA CYS A 25 -19.77 9.29 -21.52
C CYS A 25 -19.21 8.86 -20.18
N ALA A 26 -18.05 8.22 -20.21
CA ALA A 26 -17.43 7.71 -19.00
C ALA A 26 -16.99 8.89 -18.16
N ARG A 27 -16.96 8.71 -16.84
CA ARG A 27 -16.51 9.77 -15.93
C ARG A 27 -15.03 9.59 -15.69
N LEU A 28 -14.28 10.67 -15.86
CA LEU A 28 -12.84 10.62 -15.68
C LEU A 28 -12.42 11.45 -14.47
N PHE A 29 -11.68 10.82 -13.56
CA PHE A 29 -11.19 11.50 -12.36
C PHE A 29 -9.68 11.53 -12.33
N ALA A 30 -9.12 12.72 -12.48
CA ALA A 30 -7.69 12.90 -12.39
C ALA A 30 -7.29 12.98 -10.92
N ASN A 31 -6.71 11.90 -10.42
CA ASN A 31 -6.15 11.90 -9.07
C ASN A 31 -4.74 12.47 -9.14
N ILE A 32 -4.58 13.68 -8.59
CA ILE A 32 -3.33 14.41 -8.70
C ILE A 32 -2.45 14.26 -7.46
N ILE A 33 -1.16 14.12 -7.69
CA ILE A 33 -0.17 14.23 -6.64
C ILE A 33 0.73 15.43 -6.97
N GLU A 34 0.13 16.63 -6.89
CA GLU A 34 0.82 17.90 -7.22
C GLU A 34 2.15 18.02 -6.51
N ASP A 35 2.24 17.41 -5.33
CA ASP A 35 3.49 17.31 -4.57
C ASP A 35 4.61 16.67 -5.39
N GLU A 36 4.28 15.57 -6.07
CA GLU A 36 5.24 14.84 -6.89
C GLU A 36 5.11 15.12 -8.39
N ILE A 37 4.07 15.88 -8.78
CA ILE A 37 3.80 16.19 -10.19
C ILE A 37 4.84 17.15 -10.80
N SER A 38 4.96 17.11 -12.13
CA SER A 38 6.01 17.84 -12.85
C SER A 38 5.54 19.15 -13.49
N GLU A 39 6.50 20.06 -13.72
CA GLU A 39 6.25 21.31 -14.45
C GLU A 39 5.99 21.06 -15.95
N LYS A 40 6.27 19.83 -16.37
CA LYS A 40 5.90 19.37 -17.71
C LYS A 40 4.37 19.29 -17.86
N LEU A 41 3.68 19.13 -16.73
CA LEU A 41 2.22 19.09 -16.72
C LEU A 41 1.62 20.25 -15.92
N ILE A 42 1.08 21.24 -16.64
CA ILE A 42 0.41 22.38 -16.01
C ILE A 42 -1.07 22.07 -15.82
N VAL A 43 -1.55 22.19 -14.59
CA VAL A 43 -2.94 21.83 -14.26
C VAL A 43 -3.89 23.02 -14.18
N ASN A 44 -5.17 22.76 -14.36
CA ASN A 44 -6.21 23.79 -14.27
C ASN A 44 -7.47 23.23 -13.59
N TYR A 45 -7.97 23.94 -12.58
CA TYR A 45 -9.17 23.50 -11.87
C TYR A 45 -10.41 24.27 -12.32
N SER A 46 -10.17 25.44 -12.93
CA SER A 46 -11.26 26.27 -13.46
C SER A 46 -11.98 25.58 -14.62
N ASP A 47 -11.22 25.00 -15.55
CA ASP A 47 -11.77 24.28 -16.67
C ASP A 47 -11.84 22.77 -16.39
N GLU A 48 -11.24 22.36 -15.26
CA GLU A 48 -10.99 20.94 -14.95
C GLU A 48 -10.19 20.28 -16.08
N SER A 49 -8.93 20.68 -16.20
CA SER A 49 -8.09 20.34 -17.35
C SER A 49 -6.62 20.20 -17.00
N ILE A 50 -5.88 19.45 -17.81
CA ILE A 50 -4.42 19.37 -17.70
C ILE A 50 -3.78 19.64 -19.05
N GLU A 51 -2.62 20.30 -19.03
CA GLU A 51 -1.77 20.46 -20.20
C GLU A 51 -0.54 19.57 -20.06
N ASP A 52 -0.06 19.05 -21.20
CA ASP A 52 1.22 18.33 -21.24
C ASP A 52 2.19 19.16 -22.09
N MET A 53 2.90 20.08 -21.44
CA MET A 53 3.88 20.95 -22.13
C MET A 53 4.89 20.16 -22.99
N LYS A 54 5.17 18.90 -22.56
CA LYS A 54 6.10 18.00 -23.28
C LYS A 54 5.41 17.16 -24.35
N ASN A 55 4.16 17.52 -24.71
CA ASN A 55 3.37 16.80 -25.73
C ASN A 55 2.29 17.64 -26.46
N HIS A 56 2.02 18.85 -25.94
CA HIS A 56 1.07 19.82 -26.53
C HIS A 56 -0.41 19.57 -26.31
N LYS A 57 -0.72 18.45 -25.65
CA LYS A 57 -2.11 18.02 -25.45
C LYS A 57 -2.84 18.79 -24.35
N THR A 58 -4.17 18.82 -24.46
CA THR A 58 -5.02 19.43 -23.45
C THR A 58 -6.05 18.40 -23.00
N TYR A 59 -5.81 17.78 -21.83
CA TYR A 59 -6.67 16.72 -21.31
C TYR A 59 -7.79 17.25 -20.40
N LYS A 60 -9.04 17.07 -20.82
CA LYS A 60 -10.19 17.49 -20.03
C LYS A 60 -10.77 16.31 -19.24
N PHE A 61 -11.11 16.56 -17.98
CA PHE A 61 -11.67 15.52 -17.09
C PHE A 61 -13.01 15.99 -16.55
N THR A 62 -13.77 15.03 -16.01
CA THR A 62 -15.02 15.31 -15.31
C THR A 62 -14.74 16.13 -14.06
N LYS A 63 -13.70 15.73 -13.31
CA LYS A 63 -13.28 16.42 -12.09
C LYS A 63 -11.81 16.14 -11.82
N LEU A 64 -11.14 17.09 -11.18
CA LEU A 64 -9.74 16.97 -10.80
C LEU A 64 -9.63 16.95 -9.28
N ILE A 65 -8.85 16.02 -8.72
CA ILE A 65 -8.78 15.90 -7.27
C ILE A 65 -7.41 16.30 -6.69
N GLN A 66 -7.48 16.93 -5.51
CA GLN A 66 -6.40 17.69 -4.89
C GLN A 66 -5.08 16.95 -4.63
N ASN A 67 -5.14 15.87 -3.85
CA ASN A 67 -3.93 15.17 -3.43
C ASN A 67 -4.05 13.64 -3.52
N ASP A 74 -7.96 9.32 1.56
CA ASP A 74 -8.93 8.28 1.19
C ASP A 74 -9.94 8.80 0.16
N LEU A 75 -9.93 8.19 -1.02
CA LEU A 75 -10.69 8.68 -2.17
C LEU A 75 -12.19 8.49 -2.08
N PHE A 76 -12.62 7.33 -1.59
CA PHE A 76 -14.02 6.93 -1.63
C PHE A 76 -14.91 7.75 -0.69
N LYS A 77 -14.47 7.90 0.55
CA LYS A 77 -15.19 8.73 1.53
C LYS A 77 -15.25 10.19 1.07
N GLU A 78 -14.18 10.67 0.45
CA GLU A 78 -14.00 12.09 0.15
C GLU A 78 -14.51 12.55 -1.22
N ASP A 79 -14.17 11.80 -2.28
CA ASP A 79 -14.44 12.27 -3.65
C ASP A 79 -15.36 11.37 -4.48
N LEU A 80 -15.14 10.06 -4.43
CA LEU A 80 -15.87 9.15 -5.32
C LEU A 80 -17.27 8.73 -4.83
N HIS A 81 -17.53 8.92 -3.53
CA HIS A 81 -18.79 8.52 -2.89
C HIS A 81 -20.00 9.01 -3.65
N VAL A 82 -19.94 10.24 -4.15
CA VAL A 82 -21.04 10.80 -4.93
C VAL A 82 -21.39 9.88 -6.12
N TYR A 83 -20.38 9.47 -6.91
CA TYR A 83 -20.57 8.59 -8.07
C TYR A 83 -21.07 7.21 -7.67
N ILE A 84 -20.47 6.65 -6.63
CA ILE A 84 -20.87 5.33 -6.16
C ILE A 84 -22.35 5.33 -5.71
N ASP A 85 -22.73 6.29 -4.88
CA ASP A 85 -24.11 6.39 -4.38
C ASP A 85 -25.11 6.71 -5.49
N PHE A 86 -24.67 7.54 -6.44
CA PHE A 86 -25.45 7.87 -7.62
C PHE A 86 -25.94 6.59 -8.29
N CYS A 87 -24.99 5.70 -8.62
CA CYS A 87 -25.26 4.51 -9.42
C CYS A 87 -26.11 3.50 -8.68
N LEU A 88 -25.82 3.34 -7.39
CA LEU A 88 -26.57 2.44 -6.54
C LEU A 88 -28.04 2.86 -6.41
N LYS A 89 -28.28 4.16 -6.26
CA LYS A 89 -29.66 4.64 -6.13
C LYS A 89 -30.43 4.48 -7.45
N ARG A 90 -29.74 4.61 -8.57
CA ARG A 90 -30.38 4.47 -9.87
C ARG A 90 -30.45 3.00 -10.26
N ARG A 91 -30.00 2.14 -9.36
CA ARG A 91 -29.95 0.70 -9.62
C ARG A 91 -29.43 0.37 -11.03
N GLU A 92 -28.38 1.07 -11.47
CA GLU A 92 -27.73 0.75 -12.74
C GLU A 92 -26.32 0.17 -12.57
N ASN A 93 -26.08 -0.97 -13.22
CA ASN A 93 -24.78 -1.62 -13.17
C ASN A 93 -23.68 -0.67 -13.59
N PHE A 94 -22.55 -0.76 -12.93
CA PHE A 94 -21.47 0.21 -13.12
C PHE A 94 -20.13 -0.36 -12.70
N ASN A 95 -19.09 0.43 -12.92
CA ASN A 95 -17.73 -0.01 -12.65
C ASN A 95 -16.85 1.13 -12.15
N LEU A 96 -15.66 0.78 -11.67
CA LEU A 96 -14.66 1.77 -11.32
C LEU A 96 -13.26 1.18 -11.56
N PHE A 97 -12.59 1.73 -12.56
CA PHE A 97 -11.22 1.33 -12.86
C PHE A 97 -10.26 2.18 -12.07
N SER A 98 -9.28 1.52 -11.48
CA SER A 98 -8.16 2.24 -10.90
C SER A 98 -6.94 2.00 -11.79
N VAL A 99 -6.70 2.94 -12.69
CA VAL A 99 -5.50 2.88 -13.51
C VAL A 99 -4.40 3.74 -12.90
N GLY A 100 -3.29 3.07 -12.60
CA GLY A 100 -2.07 3.72 -12.12
C GLY A 100 -0.88 3.03 -12.73
N SER A 101 0.30 3.67 -12.63
CA SER A 101 1.54 3.11 -13.16
C SER A 101 2.22 2.19 -12.15
N SER A 102 2.26 2.63 -10.89
CA SER A 102 2.63 1.76 -9.77
C SER A 102 1.35 1.32 -9.06
N ASN A 103 1.49 0.44 -8.06
CA ASN A 103 0.34 -0.04 -7.29
C ASN A 103 -0.07 0.94 -6.19
N ILE A 104 -1.29 1.45 -6.27
CA ILE A 104 -1.79 2.45 -5.32
C ILE A 104 -2.25 1.80 -4.02
N THR A 107 -6.27 1.20 -1.46
CA THR A 107 -7.45 1.47 -2.29
C THR A 107 -8.52 0.40 -2.06
N PHE A 108 -8.23 -0.83 -2.46
CA PHE A 108 -9.17 -1.94 -2.33
C PHE A 108 -9.60 -2.16 -0.89
N GLU A 109 -8.63 -2.18 0.03
CA GLU A 109 -8.89 -2.35 1.46
C GLU A 109 -9.73 -1.18 2.00
N LYS A 110 -9.47 0.01 1.49
CA LYS A 110 -10.25 1.19 1.81
C LYS A 110 -11.67 1.07 1.23
N LEU A 111 -11.76 0.59 -0.01
CA LEU A 111 -13.04 0.39 -0.69
C LEU A 111 -13.96 -0.56 0.08
N LEU A 112 -13.36 -1.63 0.62
CA LEU A 112 -14.10 -2.61 1.40
C LEU A 112 -14.61 -1.98 2.66
N ALA A 113 -13.73 -1.29 3.38
CA ALA A 113 -14.10 -0.57 4.60
C ALA A 113 -15.18 0.49 4.31
N PHE A 114 -15.03 1.22 3.21
CA PHE A 114 -16.06 2.18 2.76
C PHE A 114 -17.43 1.53 2.64
N PHE A 115 -17.49 0.38 1.98
CA PHE A 115 -18.73 -0.37 1.82
C PHE A 115 -19.21 -0.91 3.17
N LYS A 116 -18.34 -1.67 3.84
CA LYS A 116 -18.64 -2.33 5.11
C LYS A 116 -19.29 -1.39 6.11
N ASN A 117 -19.04 -0.10 5.98
CA ASN A 117 -19.54 0.87 6.95
C ASN A 117 -20.47 1.97 6.41
N ASN A 118 -20.91 1.85 5.15
CA ASN A 118 -21.82 2.82 4.58
C ASN A 118 -23.07 2.23 3.93
N TYR A 119 -23.00 0.97 3.52
CA TYR A 119 -24.13 0.31 2.88
C TYR A 119 -24.58 -0.99 3.56
N PHE A 120 -23.87 -1.37 4.63
CA PHE A 120 -24.20 -2.56 5.43
C PHE A 120 -25.69 -2.67 5.77
N ASP A 121 -26.27 -1.58 6.28
CA ASP A 121 -27.69 -1.54 6.66
C ASP A 121 -28.64 -1.32 5.47
N LYS A 122 -28.10 -1.18 4.27
CA LYS A 122 -28.91 -0.93 3.08
C LYS A 122 -28.89 -2.08 2.07
N PHE A 123 -27.80 -2.86 2.06
CA PHE A 123 -27.61 -3.94 1.09
C PHE A 123 -26.91 -5.13 1.72
N VAL A 124 -27.15 -6.31 1.18
CA VAL A 124 -26.24 -7.45 1.40
C VAL A 124 -25.36 -7.51 0.15
N ILE A 125 -24.05 -7.58 0.40
CA ILE A 125 -23.06 -7.39 -0.63
C ILE A 125 -22.19 -8.62 -0.82
N THR A 126 -22.37 -9.23 -1.98
CA THR A 126 -21.58 -10.36 -2.45
C THR A 126 -20.24 -9.85 -2.96
N LEU A 127 -19.19 -10.67 -2.85
CA LEU A 127 -17.92 -10.39 -3.52
C LEU A 127 -17.27 -11.62 -4.14
N GLN A 128 -16.87 -11.50 -5.41
CA GLN A 128 -15.97 -12.43 -6.08
C GLN A 128 -14.78 -11.61 -6.59
N TYR A 129 -13.60 -12.21 -6.58
CA TYR A 129 -12.37 -11.48 -6.83
C TYR A 129 -11.33 -12.35 -7.51
N VAL A 130 -11.16 -12.15 -8.81
CA VAL A 130 -10.23 -12.95 -9.62
C VAL A 130 -9.01 -12.15 -10.07
N MET A 131 -7.94 -12.85 -10.39
CA MET A 131 -6.86 -12.24 -11.14
C MET A 131 -6.96 -12.78 -12.55
N LEU A 132 -6.97 -11.86 -13.52
CA LEU A 132 -7.23 -12.24 -14.90
C LEU A 132 -6.06 -11.87 -15.81
N SER A 133 -5.39 -12.88 -16.36
CA SER A 133 -4.22 -12.67 -17.20
C SER A 133 -4.51 -12.90 -18.68
N ASP A 134 -3.70 -12.27 -19.54
CA ASP A 134 -3.90 -12.43 -20.97
C ASP A 134 -3.13 -13.64 -21.51
N SER A 138 -4.99 -17.23 -14.76
CA SER A 138 -6.11 -16.60 -14.06
C SER A 138 -6.39 -17.25 -12.70
N GLN A 139 -6.11 -16.53 -11.63
CA GLN A 139 -6.22 -17.07 -10.27
C GLN A 139 -7.41 -16.52 -9.48
N ASP A 140 -8.07 -17.40 -8.72
CA ASP A 140 -9.15 -17.00 -7.83
C ASP A 140 -8.56 -16.54 -6.51
N LEU A 141 -8.63 -15.24 -6.27
CA LEU A 141 -7.94 -14.63 -5.13
C LEU A 141 -8.61 -14.85 -3.79
N LEU A 142 -9.74 -15.55 -3.78
CA LEU A 142 -10.52 -15.78 -2.57
C LEU A 142 -10.64 -17.25 -2.16
N SER A 143 -9.90 -18.13 -2.82
CA SER A 143 -9.95 -19.58 -2.56
C SER A 143 -9.62 -19.98 -1.14
N ASN A 144 -10.53 -20.71 -0.50
CA ASN A 144 -10.24 -21.34 0.78
C ASN A 144 -9.65 -22.72 0.58
N ILE A 154 -11.03 -20.69 -11.87
CA ILE A 154 -12.05 -19.67 -12.09
C ILE A 154 -12.76 -19.88 -13.42
N LYS A 155 -14.07 -20.12 -13.36
CA LYS A 155 -14.90 -20.14 -14.56
C LYS A 155 -15.32 -18.70 -14.85
N LEU A 156 -15.82 -18.44 -16.04
CA LEU A 156 -16.20 -17.09 -16.44
C LEU A 156 -17.03 -17.18 -17.71
N LYS A 157 -18.28 -16.74 -17.61
CA LYS A 157 -19.23 -16.85 -18.69
C LYS A 157 -19.66 -15.44 -19.00
N ILE A 158 -19.69 -15.10 -20.29
CA ILE A 158 -20.23 -13.81 -20.69
C ILE A 158 -21.71 -14.03 -20.97
N GLU A 159 -22.56 -13.35 -20.20
CA GLU A 159 -23.99 -13.46 -20.37
C GLU A 159 -24.49 -12.11 -20.85
N GLU A 160 -25.67 -12.09 -21.46
CA GLU A 160 -26.29 -10.85 -21.93
C GLU A 160 -26.40 -9.86 -20.77
N SER A 161 -26.89 -10.37 -19.65
CA SER A 161 -27.06 -9.59 -18.43
C SER A 161 -25.72 -9.11 -17.88
N THR A 162 -24.72 -10.01 -17.89
CA THR A 162 -23.56 -9.81 -17.05
C THR A 162 -22.41 -10.78 -17.31
N ILE A 163 -21.25 -10.41 -16.80
CA ILE A 163 -20.16 -11.35 -16.60
C ILE A 163 -20.41 -12.05 -15.28
N SER A 164 -20.37 -13.37 -15.30
CA SER A 164 -20.41 -14.15 -14.07
C SER A 164 -19.11 -14.89 -13.94
N LEU A 165 -18.46 -14.76 -12.79
CA LEU A 165 -17.23 -15.51 -12.52
C LEU A 165 -17.57 -16.78 -11.72
N GLY A 166 -16.93 -17.89 -12.06
CA GLY A 166 -17.14 -19.14 -11.35
C GLY A 166 -16.23 -19.17 -10.14
N SER A 167 -15.76 -17.99 -9.74
CA SER A 167 -14.88 -17.79 -8.58
C SER A 167 -15.62 -18.15 -7.29
N THR A 168 -14.88 -18.40 -6.21
CA THR A 168 -15.53 -18.58 -4.92
C THR A 168 -16.19 -17.25 -4.51
N LEU A 169 -17.39 -17.33 -3.94
CA LEU A 169 -18.19 -16.13 -3.62
C LEU A 169 -18.28 -15.98 -2.12
N ILE A 170 -18.08 -14.76 -1.62
CA ILE A 170 -18.28 -14.45 -0.19
C ILE A 170 -19.16 -13.22 0.01
N THR A 171 -19.64 -13.07 1.23
CA THR A 171 -20.29 -11.85 1.68
C THR A 171 -19.20 -10.97 2.28
N LEU A 172 -19.41 -9.67 2.32
CA LEU A 172 -18.43 -8.78 2.94
C LEU A 172 -18.27 -9.09 4.43
N ASP A 173 -19.40 -9.35 5.09
CA ASP A 173 -19.46 -9.71 6.52
C ASP A 173 -18.38 -10.70 6.96
N GLU A 174 -17.93 -11.54 6.03
CA GLU A 174 -16.90 -12.53 6.31
C GLU A 174 -15.50 -11.88 6.34
N ASN A 192 1.51 -10.24 -16.54
CA ASN A 192 0.60 -9.22 -17.07
C ASN A 192 -0.88 -9.54 -16.82
N GLY A 193 -1.38 -9.11 -15.66
CA GLY A 193 -2.77 -9.32 -15.29
C GLY A 193 -3.51 -8.08 -14.80
N ILE A 194 -4.81 -8.22 -14.60
CA ILE A 194 -5.65 -7.17 -14.05
C ILE A 194 -6.44 -7.74 -12.90
N GLY A 195 -6.77 -6.88 -11.93
CA GLY A 195 -7.65 -7.27 -10.83
C GLY A 195 -9.10 -7.05 -11.23
N LEU A 196 -9.90 -8.10 -11.10
CA LEU A 196 -11.32 -7.99 -11.38
C LEU A 196 -12.10 -8.46 -10.17
N SER A 197 -12.78 -7.53 -9.52
CA SER A 197 -13.69 -7.85 -8.45
C SER A 197 -15.11 -7.49 -8.84
N LYS A 198 -16.01 -8.43 -8.63
CA LYS A 198 -17.42 -8.23 -8.84
C LYS A 198 -18.09 -8.09 -7.48
N PHE A 199 -18.85 -7.01 -7.30
CA PHE A 199 -19.65 -6.84 -6.12
C PHE A 199 -21.12 -6.92 -6.55
N GLN A 200 -21.88 -7.80 -5.91
CA GLN A 200 -23.32 -7.82 -6.16
C GLN A 200 -24.02 -7.19 -4.98
N PHE A 201 -24.86 -6.20 -5.26
CA PHE A 201 -25.62 -5.51 -4.23
C PHE A 201 -27.07 -6.01 -4.23
N PHE A 202 -27.45 -6.75 -3.19
CA PHE A 202 -28.83 -7.20 -3.02
C PHE A 202 -29.59 -6.27 -2.05
N CYS A 203 -30.49 -5.48 -2.62
CA CYS A 203 -31.23 -4.47 -1.86
C CYS A 203 -32.10 -5.12 -0.78
N LEU A 204 -32.03 -4.58 0.44
CA LEU A 204 -32.69 -5.19 1.58
C LEU A 204 -34.21 -5.03 1.54
N GLN A 205 -34.68 -3.78 1.59
CA GLN A 205 -36.11 -3.49 1.49
C GLN A 205 -36.50 -3.35 0.02
N ASP A 206 -36.74 -4.49 -0.63
CA ASP A 206 -36.97 -4.53 -2.08
C ASP A 206 -37.62 -5.83 -2.54
N ILE A 207 -38.50 -5.70 -3.53
CA ILE A 207 -39.09 -6.86 -4.21
C ILE A 207 -38.39 -7.09 -5.55
N GLU A 208 -37.30 -6.36 -5.78
CA GLU A 208 -36.49 -6.48 -7.00
C GLU A 208 -35.49 -7.65 -6.87
N PRO A 209 -35.82 -8.82 -7.47
CA PRO A 209 -34.92 -9.96 -7.33
C PRO A 209 -33.51 -9.66 -7.85
N ILE A 210 -33.40 -9.20 -9.09
CA ILE A 210 -32.10 -8.93 -9.72
C ILE A 210 -31.25 -7.94 -8.91
N PRO A 211 -29.99 -8.32 -8.61
CA PRO A 211 -29.04 -7.52 -7.84
C PRO A 211 -28.35 -6.45 -8.70
N ILE A 212 -27.68 -5.51 -8.05
CA ILE A 212 -26.87 -4.50 -8.75
C ILE A 212 -25.40 -4.90 -8.85
N ASP A 213 -24.88 -4.91 -10.07
CA ASP A 213 -23.48 -5.28 -10.32
C ASP A 213 -22.52 -4.09 -10.30
N PHE A 214 -21.49 -4.22 -9.46
CA PHE A 214 -20.38 -3.28 -9.44
C PHE A 214 -19.05 -4.00 -9.69
N TYR A 215 -18.36 -3.61 -10.75
CA TYR A 215 -17.06 -4.18 -11.05
C TYR A 215 -15.97 -3.20 -10.68
N PHE A 216 -15.05 -3.61 -9.81
CA PHE A 216 -13.88 -2.79 -9.49
C PHE A 216 -12.67 -3.37 -10.21
N ILE A 217 -12.08 -2.60 -11.12
CA ILE A 217 -10.93 -3.10 -11.89
C ILE A 217 -9.62 -2.35 -11.61
N GLU A 218 -8.60 -3.11 -11.24
CA GLU A 218 -7.27 -2.55 -11.00
C GLU A 218 -6.35 -2.80 -12.20
N ILE A 219 -5.75 -1.72 -12.70
CA ILE A 219 -4.80 -1.79 -13.81
C ILE A 219 -3.55 -1.03 -13.41
N TYR A 220 -2.54 -1.77 -12.97
CA TYR A 220 -1.32 -1.16 -12.49
C TYR A 220 -0.12 -1.38 -13.42
N GLN A 221 -0.08 -2.52 -14.10
CA GLN A 221 0.96 -2.79 -15.10
C GLN A 221 0.73 -1.97 -16.37
N PRO A 222 1.70 -1.08 -16.72
CA PRO A 222 1.56 -0.27 -17.93
C PRO A 222 1.50 -1.13 -19.18
N SER A 223 2.08 -2.32 -19.12
CA SER A 223 1.91 -3.36 -20.14
C SER A 223 0.46 -3.51 -20.65
N ILE A 224 -0.51 -3.35 -19.75
CA ILE A 224 -1.94 -3.53 -20.06
C ILE A 224 -2.65 -2.31 -20.68
N TYR A 225 -1.94 -1.18 -20.78
CA TYR A 225 -2.55 0.03 -21.33
C TYR A 225 -2.97 -0.09 -22.80
N PRO A 226 -2.15 -0.76 -23.63
CA PRO A 226 -2.57 -0.92 -25.04
C PRO A 226 -3.76 -1.87 -25.22
N ILE A 227 -3.96 -2.82 -24.31
CA ILE A 227 -5.13 -3.68 -24.41
C ILE A 227 -6.41 -2.95 -23.97
N LEU A 228 -6.26 -2.00 -23.05
CA LEU A 228 -7.38 -1.18 -22.61
C LEU A 228 -7.82 -0.26 -23.75
N LYS A 229 -6.85 0.35 -24.44
CA LYS A 229 -7.14 1.20 -25.59
C LYS A 229 -7.84 0.41 -26.68
N ARG A 230 -7.29 -0.76 -27.02
CA ARG A 230 -7.83 -1.64 -28.06
C ARG A 230 -9.28 -2.00 -27.80
N SER A 231 -9.60 -2.31 -26.54
CA SER A 231 -10.88 -2.88 -26.19
C SER A 231 -12.05 -1.91 -26.28
N THR A 232 -11.76 -0.60 -26.30
CA THR A 232 -12.82 0.41 -26.33
C THR A 232 -13.57 0.44 -27.66
N GLY A 233 -12.80 0.47 -28.75
CA GLY A 233 -13.37 0.47 -30.09
C GLY A 233 -14.11 -0.80 -30.44
N LEU A 238 -13.31 -12.88 -29.30
CA LEU A 238 -12.42 -13.55 -30.24
C LEU A 238 -11.01 -13.81 -29.66
N ASN A 239 -10.15 -12.80 -29.77
CA ASN A 239 -8.72 -12.90 -29.48
C ASN A 239 -8.35 -13.10 -27.99
N SER A 240 -8.60 -12.07 -27.18
CA SER A 240 -8.01 -11.96 -25.85
C SER A 240 -9.03 -12.04 -24.70
N PRO A 241 -8.78 -12.91 -23.72
CA PRO A 241 -9.71 -12.95 -22.59
C PRO A 241 -9.87 -11.59 -21.92
N LEU A 242 -8.79 -10.82 -21.85
CA LEU A 242 -8.79 -9.47 -21.26
C LEU A 242 -9.57 -8.46 -22.09
N GLU A 243 -9.37 -8.51 -23.42
CA GLU A 243 -10.05 -7.63 -24.33
C GLU A 243 -11.54 -8.00 -24.36
N ILE A 244 -11.85 -9.30 -24.40
CA ILE A 244 -13.25 -9.76 -24.39
C ILE A 244 -14.01 -9.29 -23.13
N VAL A 245 -13.38 -9.41 -21.97
CA VAL A 245 -13.99 -9.00 -20.72
C VAL A 245 -14.20 -7.48 -20.62
N LEU A 246 -13.14 -6.71 -20.91
CA LEU A 246 -13.19 -5.25 -20.87
C LEU A 246 -14.20 -4.68 -21.85
N LYS A 247 -14.28 -5.28 -23.03
CA LYS A 247 -15.21 -4.83 -24.06
C LYS A 247 -16.63 -4.99 -23.52
N LYS A 248 -16.88 -6.14 -22.89
CA LYS A 248 -18.16 -6.46 -22.23
C LYS A 248 -18.49 -5.51 -21.08
N ILE A 249 -17.48 -5.15 -20.30
CA ILE A 249 -17.68 -4.23 -19.19
C ILE A 249 -18.08 -2.86 -19.74
N PHE A 250 -17.32 -2.37 -20.73
CA PHE A 250 -17.60 -1.08 -21.37
C PHE A 250 -18.97 -1.02 -22.04
N HIS A 251 -19.45 -2.18 -22.51
CA HIS A 251 -20.74 -2.21 -23.16
C HIS A 251 -21.92 -2.22 -22.23
N ASP A 252 -21.90 -3.08 -21.21
CA ASP A 252 -23.11 -3.31 -20.43
C ASP A 252 -23.07 -2.79 -18.98
N THR A 253 -22.15 -1.87 -18.68
CA THR A 253 -22.10 -1.22 -17.38
C THR A 253 -21.64 0.23 -17.53
N LYS A 254 -21.94 1.06 -16.54
CA LYS A 254 -21.54 2.46 -16.58
C LYS A 254 -20.09 2.59 -16.11
N SER A 255 -19.29 3.36 -16.83
CA SER A 255 -17.85 3.42 -16.58
C SER A 255 -17.36 4.70 -15.94
N ALA A 256 -16.38 4.56 -15.07
CA ALA A 256 -15.66 5.67 -14.54
C ALA A 256 -14.23 5.24 -14.21
N PHE A 257 -13.26 6.11 -14.48
CA PHE A 257 -11.86 5.80 -14.26
C PHE A 257 -11.24 6.85 -13.36
N VAL A 258 -10.47 6.40 -12.38
CA VAL A 258 -9.62 7.28 -11.62
C VAL A 258 -8.17 7.03 -12.05
N PHE A 259 -7.49 8.09 -12.49
CA PHE A 259 -6.12 7.99 -12.93
C PHE A 259 -5.20 8.58 -11.87
N GLN A 260 -4.16 7.84 -11.53
CA GLN A 260 -3.13 8.32 -10.62
C GLN A 260 -2.08 9.10 -11.40
N ILE A 261 -1.77 10.31 -10.92
CA ILE A 261 -0.70 11.11 -11.49
C ILE A 261 0.49 11.17 -10.51
N ASP A 262 1.33 10.15 -10.58
CA ASP A 262 2.51 10.06 -9.74
C ASP A 262 3.66 10.81 -10.39
N HIS A 263 4.86 10.66 -9.82
CA HIS A 263 6.08 11.11 -10.46
C HIS A 263 6.60 10.01 -11.37
N SER A 264 5.71 9.11 -11.75
CA SER A 264 6.04 7.89 -12.50
C SER A 264 6.54 8.17 -13.91
N ALA A 265 7.22 7.17 -14.48
CA ALA A 265 7.73 7.26 -15.85
C ALA A 265 6.60 7.22 -16.86
N GLU A 266 5.55 6.47 -16.55
CA GLU A 266 4.44 6.28 -17.48
C GLU A 266 3.25 7.20 -17.18
N VAL A 267 3.53 8.43 -16.74
CA VAL A 267 2.47 9.40 -16.44
C VAL A 267 1.82 9.96 -17.70
N TYR A 268 2.65 10.24 -18.70
CA TYR A 268 2.19 10.72 -20.00
C TYR A 268 1.35 9.67 -20.72
N ASP A 269 1.74 8.39 -20.57
CA ASP A 269 1.02 7.29 -21.18
C ASP A 269 -0.35 7.06 -20.54
N ILE A 270 -0.47 7.45 -19.26
CA ILE A 270 -1.75 7.38 -18.53
C ILE A 270 -2.68 8.50 -19.00
N LEU A 271 -2.14 9.71 -19.04
CA LEU A 271 -2.86 10.88 -19.54
C LEU A 271 -3.37 10.64 -20.95
N LYS A 272 -2.50 10.14 -21.83
CA LYS A 272 -2.87 9.87 -23.22
C LYS A 272 -3.97 8.83 -23.28
N LEU A 273 -3.87 7.82 -22.42
CA LEU A 273 -4.88 6.77 -22.34
C LEU A 273 -6.24 7.34 -21.98
N SER A 274 -6.26 8.25 -21.01
CA SER A 274 -7.52 8.84 -20.53
C SER A 274 -8.29 9.53 -21.66
N SER A 275 -7.56 9.97 -22.68
CA SER A 275 -8.17 10.61 -23.83
C SER A 275 -8.86 9.59 -24.76
N HIS A 276 -8.27 8.41 -24.89
CA HIS A 276 -8.93 7.36 -25.66
C HIS A 276 -10.22 6.99 -25.01
N LEU A 277 -10.17 6.73 -23.71
CA LEU A 277 -11.30 6.26 -22.92
C LEU A 277 -12.40 7.32 -22.75
N SER A 278 -12.05 8.58 -22.99
CA SER A 278 -13.02 9.67 -22.84
C SER A 278 -14.23 9.43 -23.71
N PHE A 279 -14.04 8.67 -24.79
CA PHE A 279 -15.09 8.39 -25.76
C PHE A 279 -15.98 7.21 -25.40
N ILE A 280 -15.70 6.55 -24.27
CA ILE A 280 -16.54 5.41 -23.85
C ILE A 280 -17.94 5.90 -23.49
N ARG A 281 -18.88 5.65 -24.40
CA ARG A 281 -20.27 6.02 -24.19
C ARG A 281 -20.91 5.08 -23.15
N ASN A 282 -21.83 5.63 -22.34
CA ASN A 282 -22.59 4.85 -21.34
C ASN A 282 -23.61 3.91 -21.99
N PRO A 283 -24.01 2.85 -21.31
CA PRO A 283 -24.95 1.92 -21.96
C PRO A 283 -26.35 2.51 -22.23
N LYS A 284 -27.22 1.72 -22.87
CA LYS A 284 -28.58 2.14 -23.19
C LYS A 284 -29.52 0.93 -23.22
N ARG B 13 16.10 12.19 31.63
CA ARG B 13 16.17 10.75 31.29
C ARG B 13 17.17 10.52 30.17
N ARG B 14 16.97 9.47 29.37
CA ARG B 14 17.87 9.02 28.26
C ARG B 14 19.25 8.49 28.71
N LEU B 15 19.54 8.57 30.02
CA LEU B 15 20.65 7.85 30.63
C LEU B 15 20.26 6.38 30.68
N LEU B 16 18.95 6.15 30.67
CA LEU B 16 18.37 4.82 30.56
C LEU B 16 18.92 4.04 29.36
N ASN B 17 19.51 4.75 28.40
CA ASN B 17 20.16 4.07 27.28
C ASN B 17 21.47 3.44 27.70
N SER B 18 22.32 4.22 28.38
CA SER B 18 23.59 3.73 28.90
C SER B 18 23.38 2.55 29.87
N ILE B 19 22.38 2.69 30.74
CA ILE B 19 21.93 1.58 31.57
C ILE B 19 21.55 0.37 30.71
N THR B 20 20.74 0.58 29.66
CA THR B 20 20.40 -0.50 28.74
C THR B 20 21.64 -1.12 28.11
N GLU B 21 22.64 -0.27 27.82
CA GLU B 21 23.89 -0.72 27.23
C GLU B 21 24.64 -1.64 28.18
N LEU B 22 24.63 -1.29 29.48
CA LEU B 22 25.24 -2.10 30.52
C LEU B 22 24.66 -3.51 30.63
N LYS B 23 23.45 -3.71 30.09
CA LYS B 23 22.78 -5.01 30.15
C LYS B 23 23.22 -5.97 29.05
N GLY B 24 23.88 -5.42 28.03
CA GLY B 24 24.50 -6.23 26.98
C GLY B 24 23.57 -6.95 26.02
N CYS B 25 22.29 -6.69 26.11
CA CYS B 25 21.31 -7.43 25.32
C CYS B 25 20.53 -6.55 24.34
N ALA B 26 19.87 -7.20 23.37
CA ALA B 26 19.19 -6.52 22.27
C ALA B 26 18.10 -5.56 22.76
N ARG B 27 17.95 -4.42 22.08
CA ARG B 27 16.93 -3.44 22.43
C ARG B 27 15.60 -3.78 21.78
N LEU B 28 14.51 -3.61 22.53
CA LEU B 28 13.19 -3.95 22.01
C LEU B 28 12.22 -2.75 22.02
N PHE B 29 11.70 -2.45 20.84
CA PHE B 29 10.79 -1.33 20.68
C PHE B 29 9.44 -1.78 20.18
N ALA B 30 8.39 -1.26 20.81
CA ALA B 30 7.03 -1.63 20.46
C ALA B 30 6.31 -0.47 19.79
N ASN B 31 6.15 -0.60 18.48
CA ASN B 31 5.36 0.32 17.70
C ASN B 31 3.90 0.05 18.04
N ILE B 32 3.27 0.99 18.75
CA ILE B 32 1.88 0.81 19.18
C ILE B 32 0.93 1.76 18.44
N ILE B 33 0.12 1.20 17.55
CA ILE B 33 -0.92 1.95 16.84
C ILE B 33 -2.26 1.71 17.53
N GLU B 34 -2.42 2.37 18.68
CA GLU B 34 -3.52 2.17 19.66
C GLU B 34 -4.90 1.76 19.13
N ASP B 35 -5.50 2.62 18.30
CA ASP B 35 -6.84 2.40 17.74
C ASP B 35 -7.02 1.01 17.12
N GLU B 36 -5.96 0.51 16.48
CA GLU B 36 -5.95 -0.82 15.86
C GLU B 36 -5.79 -1.96 16.87
N ILE B 37 -5.05 -1.72 17.95
CA ILE B 37 -4.76 -2.75 18.96
C ILE B 37 -6.02 -3.28 19.67
N SER B 38 -6.02 -4.57 20.02
CA SER B 38 -7.17 -5.25 20.63
C SER B 38 -7.44 -4.85 22.08
N GLU B 39 -8.69 -4.98 22.50
CA GLU B 39 -9.09 -4.74 23.89
C GLU B 39 -8.45 -5.76 24.84
N LYS B 40 -7.87 -6.84 24.26
CA LYS B 40 -7.24 -7.91 25.04
C LYS B 40 -5.71 -7.79 25.09
N LEU B 41 -5.21 -6.57 24.94
CA LEU B 41 -3.76 -6.28 25.05
C LEU B 41 -3.54 -5.03 25.90
N ILE B 42 -3.17 -5.25 27.16
CA ILE B 42 -3.01 -4.17 28.15
C ILE B 42 -1.64 -3.48 28.07
N VAL B 43 -1.68 -2.19 27.71
CA VAL B 43 -0.47 -1.40 27.48
C VAL B 43 -0.12 -0.52 28.69
N ASN B 44 1.06 -0.75 29.24
CA ASN B 44 1.55 0.06 30.36
C ASN B 44 2.76 0.87 29.93
N TYR B 45 2.59 2.19 29.85
CA TYR B 45 3.66 3.10 29.42
C TYR B 45 4.67 3.37 30.54
N SER B 46 4.18 3.47 31.77
CA SER B 46 5.05 3.69 32.93
C SER B 46 5.97 2.48 33.17
N ASP B 47 5.85 1.47 32.31
CA ASP B 47 6.45 0.17 32.58
C ASP B 47 7.12 -0.44 31.35
N GLU B 48 6.79 0.08 30.17
CA GLU B 48 7.27 -0.46 28.88
C GLU B 48 6.94 -1.95 28.76
N SER B 49 5.69 -2.29 29.09
CA SER B 49 5.24 -3.67 29.13
C SER B 49 3.83 -3.85 28.57
N ILE B 50 3.64 -4.93 27.82
CA ILE B 50 2.30 -5.31 27.35
C ILE B 50 2.01 -6.80 27.62
N GLU B 51 0.84 -7.05 28.22
CA GLU B 51 0.38 -8.41 28.55
C GLU B 51 -0.85 -8.79 27.74
N ASP B 52 -0.79 -9.98 27.12
CA ASP B 52 -1.92 -10.54 26.38
C ASP B 52 -2.82 -11.35 27.31
N MET B 53 -3.95 -10.75 27.69
CA MET B 53 -4.91 -11.41 28.56
C MET B 53 -5.60 -12.57 27.84
N LYS B 54 -5.24 -12.76 26.57
CA LYS B 54 -5.72 -13.90 25.78
C LYS B 54 -4.59 -14.92 25.56
N ASN B 55 -3.53 -14.78 26.36
CA ASN B 55 -2.37 -15.69 26.31
C ASN B 55 -1.68 -15.81 27.68
N HIS B 56 -2.05 -14.91 28.59
CA HIS B 56 -1.60 -14.93 29.99
C HIS B 56 -0.17 -14.51 30.20
N LYS B 57 0.59 -14.48 29.11
CA LYS B 57 1.98 -14.04 29.16
C LYS B 57 2.07 -12.51 29.23
N THR B 58 3.25 -12.01 29.60
CA THR B 58 3.49 -10.56 29.68
C THR B 58 4.90 -10.19 29.22
N TYR B 59 4.97 -9.26 28.27
CA TYR B 59 6.23 -8.92 27.60
C TYR B 59 6.76 -7.54 27.95
N LYS B 60 8.04 -7.50 28.34
CA LYS B 60 8.74 -6.26 28.62
C LYS B 60 9.47 -5.75 27.37
N PHE B 61 9.54 -4.43 27.22
CA PHE B 61 10.26 -3.81 26.10
C PHE B 61 11.28 -2.78 26.59
N THR B 62 12.25 -2.44 25.74
CA THR B 62 13.19 -1.37 26.07
C THR B 62 12.39 -0.08 26.25
N LYS B 63 11.58 0.23 25.25
CA LYS B 63 10.69 1.40 25.27
C LYS B 63 9.44 1.05 24.46
N LEU B 64 8.31 1.62 24.87
CA LEU B 64 7.06 1.55 24.12
C LEU B 64 6.83 2.87 23.39
N ILE B 65 6.47 2.79 22.11
CA ILE B 65 6.20 3.98 21.31
C ILE B 65 4.73 4.04 20.88
N GLN B 66 4.03 5.09 21.30
CA GLN B 66 2.62 5.28 20.93
C GLN B 66 2.46 6.03 19.61
N ASN B 67 2.36 5.28 18.51
CA ASN B 67 2.16 5.84 17.17
C ASN B 67 0.69 6.14 16.90
N ASP B 74 3.66 9.52 14.05
CA ASP B 74 4.22 9.27 12.72
C ASP B 74 5.76 9.41 12.71
N LEU B 75 6.28 10.31 13.52
CA LEU B 75 7.70 10.69 13.51
C LEU B 75 8.64 9.58 14.03
N PHE B 76 8.76 8.51 13.25
CA PHE B 76 9.28 7.22 13.72
C PHE B 76 10.69 7.21 14.29
N LYS B 77 11.58 8.02 13.70
CA LYS B 77 12.93 8.21 14.22
C LYS B 77 12.99 9.47 15.09
N GLU B 78 12.42 9.34 16.28
CA GLU B 78 12.38 10.40 17.30
C GLU B 78 12.39 9.74 18.68
N ASP B 79 12.75 8.46 18.68
CA ASP B 79 12.94 7.66 19.89
C ASP B 79 14.07 6.66 19.61
N LEU B 80 14.11 6.19 18.36
CA LEU B 80 15.22 5.41 17.86
C LEU B 80 16.46 6.29 17.64
N HIS B 81 16.28 7.59 17.48
CA HIS B 81 17.39 8.51 17.25
C HIS B 81 18.51 8.41 18.24
N VAL B 82 18.17 8.15 19.51
CA VAL B 82 19.17 8.07 20.57
C VAL B 82 20.00 6.78 20.46
N TYR B 83 19.35 5.67 20.09
CA TYR B 83 20.06 4.41 19.83
C TYR B 83 21.02 4.50 18.64
N ILE B 84 20.57 5.15 17.58
CA ILE B 84 21.38 5.31 16.36
C ILE B 84 22.61 6.18 16.62
N ASP B 85 22.42 7.32 17.28
CA ASP B 85 23.53 8.21 17.48
C ASP B 85 24.59 7.57 18.38
N PHE B 86 24.11 6.81 19.36
CA PHE B 86 24.97 6.12 20.30
C PHE B 86 25.91 5.18 19.55
N CYS B 87 25.38 4.29 18.71
CA CYS B 87 26.20 3.37 17.91
C CYS B 87 27.22 4.07 17.02
N LEU B 88 26.80 5.16 16.39
CA LEU B 88 27.67 5.88 15.46
C LEU B 88 28.79 6.57 16.21
N LYS B 89 28.43 7.28 17.29
CA LYS B 89 29.42 7.95 18.11
C LYS B 89 30.49 6.96 18.57
N ARG B 90 30.06 5.74 18.91
CA ARG B 90 30.95 4.68 19.41
C ARG B 90 31.58 3.87 18.29
N ARG B 91 31.22 4.15 17.05
CA ARG B 91 31.74 3.41 15.89
C ARG B 91 31.56 1.90 16.03
N GLU B 92 30.36 1.48 16.45
CA GLU B 92 30.03 0.07 16.63
C GLU B 92 28.99 -0.40 15.61
N ASN B 93 29.36 -1.29 14.69
CA ASN B 93 28.39 -1.90 13.76
C ASN B 93 27.10 -2.29 14.46
N PHE B 94 25.97 -2.03 13.81
CA PHE B 94 24.68 -2.24 14.46
C PHE B 94 23.58 -2.51 13.46
N ASN B 95 22.38 -2.78 13.98
CA ASN B 95 21.22 -3.04 13.13
C ASN B 95 19.91 -2.55 13.73
N LEU B 96 18.88 -2.48 12.89
CA LEU B 96 17.53 -2.16 13.30
C LEU B 96 16.58 -3.04 12.51
N PHE B 97 15.69 -3.72 13.21
CA PHE B 97 14.71 -4.60 12.57
C PHE B 97 13.33 -3.97 12.64
N SER B 98 12.65 -3.91 11.50
CA SER B 98 11.22 -3.63 11.53
C SER B 98 10.52 -4.95 11.31
N VAL B 99 9.57 -5.28 12.17
CA VAL B 99 9.00 -6.63 12.22
C VAL B 99 7.47 -6.63 12.14
N THR B 107 8.24 3.14 5.43
CA THR B 107 9.10 3.80 6.41
C THR B 107 10.56 3.86 5.94
N PHE B 108 10.84 3.27 4.79
CA PHE B 108 12.19 3.25 4.22
C PHE B 108 12.61 4.65 3.79
N GLU B 109 11.67 5.39 3.20
CA GLU B 109 11.92 6.78 2.80
C GLU B 109 12.12 7.67 4.03
N LYS B 110 11.43 7.33 5.11
CA LYS B 110 11.54 8.07 6.36
C LYS B 110 12.94 7.91 6.93
N LEU B 111 13.51 6.71 6.82
CA LEU B 111 14.88 6.43 7.22
C LEU B 111 15.88 7.24 6.38
N LEU B 112 15.80 7.09 5.07
CA LEU B 112 16.67 7.85 4.15
C LEU B 112 16.77 9.32 4.51
N ALA B 113 15.63 10.00 4.60
CA ALA B 113 15.57 11.43 4.91
C ALA B 113 16.16 11.76 6.29
N PHE B 114 15.88 10.90 7.27
CA PHE B 114 16.43 11.03 8.61
C PHE B 114 17.94 11.05 8.51
N PHE B 115 18.48 10.10 7.76
CA PHE B 115 19.90 10.07 7.49
C PHE B 115 20.33 11.34 6.77
N LYS B 116 19.57 11.72 5.75
CA LYS B 116 19.88 12.90 4.97
C LYS B 116 19.82 14.17 5.80
N ASN B 117 18.90 14.20 6.77
CA ASN B 117 18.70 15.38 7.62
C ASN B 117 19.62 15.48 8.84
N ASN B 118 20.17 14.36 9.29
CA ASN B 118 20.89 14.32 10.57
C ASN B 118 22.38 13.96 10.61
N TYR B 119 22.87 13.24 9.59
CA TYR B 119 24.25 12.78 9.61
C TYR B 119 25.17 13.23 8.45
N PHE B 120 24.58 13.74 7.39
CA PHE B 120 25.33 14.11 6.19
C PHE B 120 26.44 15.15 6.40
N ASP B 121 26.34 15.97 7.44
CA ASP B 121 27.39 16.96 7.71
C ASP B 121 28.64 16.28 8.25
N LYS B 122 28.45 15.18 8.96
CA LYS B 122 29.54 14.42 9.56
C LYS B 122 29.94 13.21 8.70
N PHE B 123 29.00 12.74 7.88
CA PHE B 123 29.21 11.49 7.12
C PHE B 123 28.95 11.55 5.61
N VAL B 124 29.61 10.65 4.87
CA VAL B 124 29.17 10.28 3.53
C VAL B 124 28.62 8.87 3.68
N ILE B 125 27.37 8.68 3.29
CA ILE B 125 26.72 7.40 3.53
C ILE B 125 26.44 6.69 2.21
N THR B 126 26.84 5.43 2.14
CA THR B 126 26.52 4.59 0.98
C THR B 126 25.32 3.69 1.32
N LEU B 127 24.62 3.22 0.30
CA LEU B 127 23.49 2.31 0.48
C LEU B 127 23.47 1.14 -0.48
N GLN B 128 23.28 -0.06 0.08
CA GLN B 128 22.98 -1.25 -0.72
C GLN B 128 21.68 -1.87 -0.20
N TYR B 129 20.76 -2.16 -1.12
CA TYR B 129 19.41 -2.62 -0.78
C TYR B 129 19.04 -3.83 -1.63
N VAL B 130 18.71 -4.93 -0.96
CA VAL B 130 18.37 -6.19 -1.64
C VAL B 130 17.16 -6.84 -0.99
N MET B 131 16.50 -7.73 -1.74
CA MET B 131 15.42 -8.56 -1.20
C MET B 131 15.80 -10.03 -1.23
N LEU B 132 16.19 -10.56 -0.06
CA LEU B 132 16.56 -11.96 0.06
C LEU B 132 15.82 -12.64 1.21
N SER B 138 16.94 -14.19 -5.14
CA SER B 138 17.04 -12.84 -4.56
C SER B 138 17.31 -11.79 -5.63
N GLN B 139 17.02 -10.54 -5.30
CA GLN B 139 17.16 -9.45 -6.27
C GLN B 139 17.72 -8.16 -5.68
N ASP B 140 18.59 -7.51 -6.46
CA ASP B 140 19.01 -6.13 -6.26
C ASP B 140 17.77 -5.25 -6.35
N LEU B 141 17.72 -4.16 -5.58
CA LEU B 141 16.53 -3.32 -5.56
C LEU B 141 16.72 -1.88 -6.05
N LEU B 142 17.91 -1.57 -6.56
CA LEU B 142 18.23 -0.20 -6.98
C LEU B 142 18.67 -0.12 -8.44
N SER B 143 17.69 -0.16 -9.34
CA SER B 143 17.94 -0.18 -10.78
C SER B 143 16.85 0.57 -11.55
N LYS B 155 24.57 -12.47 -5.84
CA LYS B 155 25.12 -13.27 -4.74
C LYS B 155 25.80 -12.41 -3.68
N LEU B 156 25.71 -12.85 -2.41
CA LEU B 156 26.36 -12.17 -1.29
C LEU B 156 27.35 -13.09 -0.58
N LYS B 157 28.49 -12.53 -0.18
CA LYS B 157 29.53 -13.28 0.54
C LYS B 157 29.67 -12.85 2.00
N ILE B 158 29.85 -13.84 2.88
CA ILE B 158 29.98 -13.59 4.32
C ILE B 158 31.47 -13.57 4.72
N GLU B 159 32.00 -12.36 4.91
CA GLU B 159 33.40 -12.19 5.28
C GLU B 159 33.57 -11.94 6.79
N GLU B 160 34.78 -12.18 7.29
CA GLU B 160 35.13 -12.01 8.70
C GLU B 160 34.58 -10.71 9.31
N SER B 161 35.03 -9.56 8.79
CA SER B 161 34.68 -8.26 9.35
C SER B 161 33.25 -7.81 9.08
N THR B 162 32.76 -8.07 7.86
CA THR B 162 31.44 -7.59 7.42
C THR B 162 30.80 -8.49 6.36
N ILE B 163 29.48 -8.58 6.37
CA ILE B 163 28.77 -9.24 5.27
C ILE B 163 28.78 -8.35 4.02
N SER B 164 29.29 -8.93 2.93
CA SER B 164 29.49 -8.22 1.67
C SER B 164 28.37 -8.54 0.67
N LEU B 165 27.88 -7.51 -0.02
CA LEU B 165 26.82 -7.66 -1.01
C LEU B 165 27.32 -7.31 -2.40
N GLY B 166 27.07 -8.20 -3.37
CA GLY B 166 27.43 -7.93 -4.75
C GLY B 166 26.52 -6.90 -5.40
N SER B 167 25.53 -6.44 -4.64
CA SER B 167 24.55 -5.45 -5.10
C SER B 167 25.20 -4.15 -5.56
N THR B 168 24.51 -3.47 -6.48
CA THR B 168 24.91 -2.14 -6.92
C THR B 168 24.78 -1.18 -5.74
N LEU B 169 25.62 -0.16 -5.73
CA LEU B 169 25.74 0.72 -4.57
C LEU B 169 25.64 2.20 -4.95
N ILE B 170 24.81 2.94 -4.22
CA ILE B 170 24.75 4.38 -4.37
C ILE B 170 24.97 5.08 -3.05
N THR B 171 25.50 6.30 -3.12
CA THR B 171 25.57 7.15 -1.95
C THR B 171 24.24 7.87 -1.84
N LEU B 172 23.88 8.26 -0.62
CA LEU B 172 22.67 9.03 -0.39
C LEU B 172 22.71 10.38 -1.09
N ASP B 173 23.92 10.84 -1.42
CA ASP B 173 24.11 12.08 -2.19
C ASP B 173 23.64 11.98 -3.66
N GLU B 174 22.49 11.34 -3.86
CA GLU B 174 21.84 11.25 -5.18
C GLU B 174 20.42 10.66 -5.11
N ILE B 194 13.29 -11.31 2.98
CA ILE B 194 13.50 -10.16 3.87
C ILE B 194 13.99 -8.92 3.09
N GLY B 195 13.88 -7.76 3.73
CA GLY B 195 14.39 -6.50 3.17
C GLY B 195 15.67 -6.04 3.82
N LEU B 196 16.78 -6.69 3.48
CA LEU B 196 18.10 -6.31 3.98
C LEU B 196 18.65 -5.10 3.24
N SER B 197 18.96 -4.05 3.99
CA SER B 197 19.61 -2.85 3.45
C SER B 197 20.82 -2.46 4.28
N LYS B 198 21.99 -2.51 3.64
CA LYS B 198 23.27 -2.19 4.29
C LYS B 198 23.69 -0.75 4.04
N PHE B 199 23.90 0.00 5.11
CA PHE B 199 24.40 1.36 5.02
C PHE B 199 25.84 1.41 5.49
N GLN B 200 26.66 2.16 4.76
CA GLN B 200 28.03 2.42 5.18
C GLN B 200 28.24 3.88 5.51
N PHE B 201 28.60 4.16 6.76
CA PHE B 201 28.90 5.52 7.19
C PHE B 201 30.42 5.74 7.13
N PHE B 202 30.84 6.64 6.25
CA PHE B 202 32.24 7.02 6.17
C PHE B 202 32.42 8.38 6.83
N CYS B 203 33.29 8.44 7.86
CA CYS B 203 33.54 9.67 8.60
C CYS B 203 34.47 10.62 7.86
N LEU B 204 34.06 11.89 7.76
CA LEU B 204 34.85 12.91 7.06
C LEU B 204 36.15 13.33 7.78
N GLN B 205 36.24 13.04 9.07
CA GLN B 205 37.41 13.41 9.87
C GLN B 205 38.60 12.50 9.60
N ASP B 206 38.33 11.23 9.30
CA ASP B 206 39.39 10.25 9.04
C ASP B 206 39.83 10.24 7.55
N ILE B 207 41.12 10.48 7.32
CA ILE B 207 41.67 10.55 5.95
C ILE B 207 41.30 9.33 5.09
N GLU B 208 41.89 8.18 5.42
CA GLU B 208 41.46 6.89 4.88
C GLU B 208 40.67 6.17 5.99
N PRO B 209 39.33 6.20 5.90
CA PRO B 209 38.50 5.79 7.03
C PRO B 209 38.03 4.34 7.02
N ILE B 210 37.86 3.75 8.20
CA ILE B 210 37.18 2.46 8.32
C ILE B 210 35.69 2.69 8.57
N PRO B 211 34.83 2.29 7.61
CA PRO B 211 33.42 2.65 7.64
C PRO B 211 32.62 1.92 8.73
N ILE B 212 31.55 2.54 9.21
CA ILE B 212 30.66 1.92 10.19
C ILE B 212 29.44 1.31 9.51
N ASP B 213 29.21 0.02 9.75
CA ASP B 213 28.14 -0.73 9.09
C ASP B 213 26.82 -0.66 9.83
N PHE B 214 25.77 -0.34 9.08
CA PHE B 214 24.40 -0.36 9.62
C PHE B 214 23.44 -1.18 8.74
N TYR B 215 22.76 -2.14 9.35
CA TYR B 215 21.73 -2.91 8.64
C TYR B 215 20.32 -2.51 9.07
N PHE B 216 19.45 -2.25 8.10
CA PHE B 216 18.03 -2.05 8.37
C PHE B 216 17.32 -3.25 7.78
N ILE B 217 16.66 -4.02 8.65
CA ILE B 217 16.05 -5.28 8.22
C ILE B 217 14.52 -5.24 8.28
N GLU B 218 13.92 -5.51 7.13
CA GLU B 218 12.47 -5.56 7.01
C GLU B 218 11.99 -7.02 6.99
N ILE B 219 11.30 -7.41 8.05
CA ILE B 219 10.65 -8.72 8.13
C ILE B 219 9.13 -8.48 8.26
N TYR B 220 8.43 -8.61 7.14
CA TYR B 220 7.03 -8.16 7.04
C TYR B 220 6.02 -9.31 6.93
N GLN B 221 6.50 -10.48 6.53
CA GLN B 221 5.65 -11.66 6.37
C GLN B 221 5.86 -12.67 7.49
N PRO B 222 4.74 -13.10 8.17
CA PRO B 222 4.71 -14.07 9.29
C PRO B 222 5.56 -15.34 9.03
N SER B 223 5.62 -15.77 7.76
CA SER B 223 6.41 -16.95 7.35
C SER B 223 7.83 -17.00 7.95
N ILE B 224 8.54 -15.88 7.89
CA ILE B 224 9.95 -15.81 8.29
C ILE B 224 10.19 -15.95 9.80
N TYR B 225 9.16 -15.68 10.61
CA TYR B 225 9.26 -15.71 12.08
C TYR B 225 10.04 -16.93 12.61
N PRO B 226 9.67 -18.16 12.17
CA PRO B 226 10.47 -19.32 12.59
C PRO B 226 11.95 -19.17 12.23
N ILE B 227 12.22 -18.87 10.96
CA ILE B 227 13.60 -18.70 10.47
C ILE B 227 14.36 -17.64 11.25
N LEU B 228 13.64 -16.60 11.69
CA LEU B 228 14.20 -15.56 12.53
C LEU B 228 14.44 -16.08 13.96
N LYS B 229 13.46 -16.79 14.49
CA LYS B 229 13.52 -17.38 15.84
C LYS B 229 14.65 -18.40 15.97
N ARG B 230 14.73 -19.30 14.99
CA ARG B 230 15.70 -20.39 14.97
C ARG B 230 17.15 -19.94 15.08
N SER B 231 17.45 -18.78 14.49
CA SER B 231 18.80 -18.22 14.52
C SER B 231 19.14 -17.57 15.86
N THR B 232 19.19 -18.37 16.92
CA THR B 232 19.57 -17.91 18.26
C THR B 232 20.22 -19.04 19.07
N PRO B 241 18.92 -21.21 5.28
CA PRO B 241 19.60 -20.49 4.19
C PRO B 241 19.96 -19.05 4.57
N LEU B 242 18.96 -18.23 4.89
CA LEU B 242 19.18 -16.85 5.30
C LEU B 242 19.51 -16.77 6.80
N GLU B 243 19.51 -17.92 7.46
CA GLU B 243 20.03 -18.06 8.81
C GLU B 243 21.51 -17.73 8.81
N ILE B 244 22.22 -18.16 7.76
CA ILE B 244 23.62 -17.81 7.57
C ILE B 244 23.79 -16.30 7.68
N VAL B 245 22.98 -15.56 6.92
CA VAL B 245 22.98 -14.09 6.96
C VAL B 245 22.63 -13.58 8.34
N LEU B 246 21.53 -14.08 8.88
CA LEU B 246 21.02 -13.65 10.19
C LEU B 246 21.99 -13.91 11.35
N LYS B 247 22.63 -15.08 11.35
CA LYS B 247 23.63 -15.43 12.36
C LYS B 247 24.79 -14.45 12.41
N LYS B 248 25.30 -14.05 11.25
CA LYS B 248 26.38 -13.07 11.15
C LYS B 248 25.91 -11.70 11.63
N ILE B 249 24.69 -11.32 11.25
CA ILE B 249 24.09 -10.07 11.73
C ILE B 249 24.00 -10.04 13.26
N PHE B 250 23.53 -11.14 13.85
CA PHE B 250 23.39 -11.24 15.30
C PHE B 250 24.73 -11.42 16.04
N HIS B 251 25.69 -12.06 15.39
CA HIS B 251 26.97 -12.32 16.04
C HIS B 251 27.92 -11.16 15.92
N ASP B 252 27.83 -10.41 14.83
CA ASP B 252 28.83 -9.39 14.51
C ASP B 252 28.34 -7.93 14.54
N THR B 253 27.04 -7.72 14.70
CA THR B 253 26.49 -6.36 14.91
C THR B 253 25.57 -6.31 16.13
N LYS B 254 25.47 -5.11 16.70
CA LYS B 254 24.59 -4.82 17.83
C LYS B 254 23.14 -4.66 17.32
N SER B 255 22.18 -5.15 18.11
CA SER B 255 20.81 -5.38 17.61
C SER B 255 19.67 -4.57 18.24
N ALA B 256 18.74 -4.13 17.39
CA ALA B 256 17.53 -3.46 17.84
C ALA B 256 16.37 -3.88 16.97
N PHE B 257 15.20 -4.05 17.61
CA PHE B 257 13.99 -4.52 16.97
C PHE B 257 12.85 -3.56 17.28
N VAL B 258 12.05 -3.27 16.26
CA VAL B 258 10.84 -2.49 16.46
C VAL B 258 9.67 -3.27 15.85
N PHE B 259 8.63 -3.46 16.66
CA PHE B 259 7.53 -4.38 16.38
C PHE B 259 6.23 -3.63 16.12
N GLN B 260 5.71 -3.73 14.89
CA GLN B 260 4.38 -3.20 14.59
C GLN B 260 3.39 -3.98 15.43
N ILE B 261 2.62 -3.27 16.25
CA ILE B 261 1.67 -3.92 17.17
C ILE B 261 0.30 -3.22 17.18
N SER B 264 -4.74 -5.38 14.69
CA SER B 264 -3.76 -5.92 13.74
C SER B 264 -3.95 -7.42 13.50
N ALA B 265 -3.00 -8.02 12.76
CA ALA B 265 -3.14 -9.39 12.27
C ALA B 265 -2.60 -10.44 13.26
N GLU B 266 -1.39 -10.92 13.00
CA GLU B 266 -0.74 -11.92 13.84
C GLU B 266 0.06 -11.23 14.94
N VAL B 267 -0.58 -10.26 15.60
CA VAL B 267 0.05 -9.51 16.68
C VAL B 267 0.54 -10.43 17.80
N TYR B 268 -0.27 -11.43 18.13
CA TYR B 268 0.06 -12.39 19.17
C TYR B 268 1.30 -13.20 18.79
N ASP B 269 1.39 -13.56 17.51
CA ASP B 269 2.55 -14.29 17.01
C ASP B 269 3.83 -13.46 17.11
N ILE B 270 3.70 -12.14 16.92
CA ILE B 270 4.86 -11.22 16.97
C ILE B 270 5.34 -10.94 18.39
N LEU B 271 4.41 -10.73 19.33
CA LEU B 271 4.77 -10.49 20.73
C LEU B 271 5.56 -11.64 21.33
N LYS B 272 5.09 -12.86 21.08
CA LYS B 272 5.80 -14.06 21.49
C LYS B 272 7.18 -14.11 20.83
N LEU B 273 7.25 -13.62 19.60
CA LEU B 273 8.51 -13.57 18.87
C LEU B 273 9.50 -12.62 19.53
N SER B 274 9.00 -11.53 20.12
CA SER B 274 9.88 -10.54 20.76
C SER B 274 10.62 -11.13 21.97
N SER B 275 9.94 -11.99 22.73
CA SER B 275 10.53 -12.58 23.92
C SER B 275 11.79 -13.37 23.64
N HIS B 276 11.74 -14.25 22.64
CA HIS B 276 12.90 -15.07 22.31
C HIS B 276 14.02 -14.24 21.76
N LEU B 277 13.66 -13.22 20.99
CA LEU B 277 14.64 -12.31 20.42
C LEU B 277 15.30 -11.45 21.49
N SER B 278 14.59 -11.26 22.61
CA SER B 278 15.10 -10.43 23.71
C SER B 278 16.37 -11.03 24.30
N PHE B 279 16.53 -12.34 24.11
CA PHE B 279 17.67 -13.09 24.63
C PHE B 279 18.94 -12.97 23.77
N ILE B 280 18.88 -12.22 22.68
CA ILE B 280 20.07 -11.92 21.86
C ILE B 280 20.99 -10.94 22.60
N ARG B 281 22.28 -11.26 22.63
CA ARG B 281 23.29 -10.51 23.37
C ARG B 281 24.24 -9.79 22.42
N ASN B 282 24.69 -8.60 22.83
CA ASN B 282 25.62 -7.79 22.03
C ASN B 282 27.00 -8.41 21.89
N PRO B 283 27.67 -8.15 20.74
CA PRO B 283 29.08 -8.56 20.59
C PRO B 283 30.01 -7.97 21.65
N LYS B 284 30.75 -8.85 22.33
CA LYS B 284 31.72 -8.46 23.36
C LYS B 284 32.99 -7.87 22.76
#